data_2GHR
#
_entry.id   2GHR
#
_cell.length_a   95.890
_cell.length_b   95.890
_cell.length_c   75.403
_cell.angle_alpha   90.000
_cell.angle_beta   90.000
_cell.angle_gamma   90.000
#
_symmetry.space_group_name_H-M   'P 41 2 2'
#
loop_
_entity.id
_entity.type
_entity.pdbx_description
1 polymer 'Homoserine O-succinyltransferase'
2 non-polymer 'SULFATE ION'
3 water water
#
_entity_poly.entity_id   1
_entity_poly.type   'polypeptide(L)'
_entity_poly.pdbx_seq_one_letter_code
;G(MSE)PIIIDKDLPARKVLQEENIFV(MSE)TKERAETQDIRALKIAILNL(MSE)PTKQETEAQLLRLIGNTPLQLDV
HLLH(MSE)ESHLSRNVAQEHLTSFYKTFRDIENEKFDGLIITGAPVETLSFEEVDYWEELKRI(MSE)EYSKTNVTSTL
HICWGAQAGLYHHYGVQKYPLKEK(MSE)FGVFEHEVREQHVKLLQGFDELFFAPHSRHTEVRESDIREVKELTLLANSE
EAGVHLVIGQEGRQVFALGHSEYSCDTLKQEYERDRDKGLNIDVPKNYFKHDNPNEKPLVRWRSHGNLLFSNWLNYYVYQ
ETPYVL
;
_entity_poly.pdbx_strand_id   A
#
loop_
_chem_comp.id
_chem_comp.type
_chem_comp.name
_chem_comp.formula
SO4 non-polymer 'SULFATE ION' 'O4 S -2'
#
# COMPACT_ATOMS: atom_id res chain seq x y z
N GLU A 18 15.65 -1.32 51.93
CA GLU A 18 16.69 -0.46 51.28
C GLU A 18 16.22 1.00 51.17
N GLU A 19 17.09 1.93 51.58
CA GLU A 19 16.77 3.34 51.59
C GLU A 19 16.59 3.93 50.18
N ASN A 20 17.50 3.55 49.26
CA ASN A 20 17.47 4.07 47.86
C ASN A 20 16.80 3.12 46.88
N ILE A 21 15.55 3.40 46.54
CA ILE A 21 14.82 2.56 45.60
C ILE A 21 15.00 3.08 44.16
N PHE A 22 15.23 2.16 43.24
CA PHE A 22 15.38 2.50 41.84
C PHE A 22 14.03 2.55 41.14
N VAL A 23 13.96 3.30 40.07
CA VAL A 23 12.77 3.39 39.26
C VAL A 23 13.09 2.88 37.86
N MSE A 24 12.10 2.36 37.17
CA MSE A 24 12.28 1.91 35.78
C MSE A 24 11.96 3.04 34.93
O MSE A 24 10.86 3.58 35.04
CB MSE A 24 11.32 0.78 35.42
CG MSE A 24 11.09 -0.25 36.46
SE MSE A 24 12.49 -1.41 36.55
CE MSE A 24 11.54 -3.00 36.92
N THR A 25 12.87 3.45 34.08
CA THR A 25 12.57 4.53 33.18
C THR A 25 12.64 4.10 31.73
N LYS A 26 11.51 4.21 31.06
CA LYS A 26 11.44 4.04 29.63
C LYS A 26 11.79 5.38 29.03
N GLU A 27 12.95 5.45 28.38
CA GLU A 27 13.45 6.71 27.87
C GLU A 27 12.58 7.24 26.74
N ARG A 28 12.36 8.56 26.75
CA ARG A 28 11.58 9.21 25.70
C ARG A 28 12.27 9.06 24.38
N ALA A 29 11.49 8.98 23.31
CA ALA A 29 12.04 8.92 21.98
C ALA A 29 12.68 10.26 21.61
N GLU A 30 14.00 10.26 21.42
CA GLU A 30 14.73 11.46 21.06
C GLU A 30 14.72 11.63 19.53
N THR A 31 13.53 11.83 18.97
CA THR A 31 13.38 12.04 17.52
C THR A 31 13.48 13.53 17.17
N GLN A 32 13.54 14.37 18.20
CA GLN A 32 13.61 15.82 18.00
C GLN A 32 14.63 16.22 16.94
N ASP A 33 15.84 15.67 17.02
CA ASP A 33 16.96 16.10 16.16
C ASP A 33 17.14 15.24 14.90
N ILE A 34 16.13 14.41 14.60
CA ILE A 34 16.17 13.60 13.39
C ILE A 34 15.68 14.41 12.19
N ARG A 35 16.49 14.44 11.13
CA ARG A 35 16.14 15.11 9.90
C ARG A 35 14.77 14.62 9.39
N ALA A 36 13.97 15.54 8.84
CA ALA A 36 12.62 15.20 8.31
C ALA A 36 12.73 14.19 7.19
N LEU A 37 11.77 13.26 7.15
CA LEU A 37 11.71 12.27 6.08
C LEU A 37 11.10 12.88 4.82
N LYS A 38 11.78 12.70 3.71
CA LYS A 38 11.35 13.23 2.45
C LYS A 38 10.51 12.15 1.73
N ILE A 39 9.23 12.44 1.53
CA ILE A 39 8.31 11.44 1.00
C ILE A 39 7.55 11.95 -0.21
N ALA A 40 7.46 11.13 -1.25
CA ALA A 40 6.72 11.49 -2.43
C ALA A 40 5.54 10.58 -2.62
N ILE A 41 4.42 11.15 -3.05
CA ILE A 41 3.22 10.38 -3.32
C ILE A 41 2.84 10.56 -4.76
N LEU A 42 2.81 9.47 -5.49
CA LEU A 42 2.41 9.48 -6.86
C LEU A 42 0.97 9.00 -6.95
N ASN A 43 0.05 9.93 -7.14
CA ASN A 43 -1.33 9.61 -7.27
C ASN A 43 -1.69 9.40 -8.73
N LEU A 44 -1.99 8.15 -9.08
CA LEU A 44 -2.38 7.80 -10.44
C LEU A 44 -3.91 7.76 -10.59
N MSE A 45 -4.61 8.00 -9.48
CA MSE A 45 -6.08 7.96 -9.47
C MSE A 45 -6.69 9.18 -10.16
O MSE A 45 -6.06 10.23 -10.25
CB MSE A 45 -6.58 7.90 -8.03
CG MSE A 45 -6.18 6.66 -7.27
SE MSE A 45 -7.08 5.09 -7.92
CE MSE A 45 -6.70 3.83 -6.43
N PRO A 46 -7.93 9.01 -10.65
CA PRO A 46 -8.81 10.08 -11.15
C PRO A 46 -9.60 10.70 -9.97
N THR A 47 -10.09 9.83 -9.07
CA THR A 47 -10.70 10.28 -7.80
C THR A 47 -9.57 10.67 -6.84
N LYS A 48 -8.86 11.73 -7.23
CA LYS A 48 -7.57 12.07 -6.65
C LYS A 48 -7.62 12.41 -5.15
N GLN A 49 -8.58 13.25 -4.77
CA GLN A 49 -8.63 13.80 -3.39
C GLN A 49 -8.77 12.73 -2.30
N GLU A 50 -9.72 11.81 -2.48
CA GLU A 50 -9.98 10.77 -1.48
C GLU A 50 -8.70 9.98 -1.16
N THR A 51 -8.04 9.47 -2.20
CA THR A 51 -6.79 8.68 -2.03
C THR A 51 -5.72 9.47 -1.24
N GLU A 52 -5.47 10.69 -1.68
CA GLU A 52 -4.54 11.59 -1.04
C GLU A 52 -4.85 11.74 0.45
N ALA A 53 -6.11 12.04 0.76
CA ALA A 53 -6.54 12.21 2.15
C ALA A 53 -6.27 10.94 2.99
N GLN A 54 -6.64 9.79 2.45
CA GLN A 54 -6.42 8.53 3.14
C GLN A 54 -4.95 8.33 3.46
N LEU A 55 -4.10 8.44 2.44
CA LEU A 55 -2.67 8.21 2.61
C LEU A 55 -2.07 9.19 3.58
N LEU A 56 -2.57 10.43 3.56
CA LEU A 56 -2.04 11.48 4.46
C LEU A 56 -2.37 11.18 5.93
N ARG A 57 -3.58 10.72 6.20
CA ARG A 57 -3.94 10.28 7.56
C ARG A 57 -3.02 9.14 8.02
N LEU A 58 -2.76 8.19 7.13
CA LEU A 58 -2.04 6.98 7.49
C LEU A 58 -0.57 7.24 7.77
N ILE A 59 0.02 8.23 7.09
CA ILE A 59 1.42 8.59 7.34
C ILE A 59 1.59 9.55 8.53
N GLY A 60 0.47 9.97 9.12
CA GLY A 60 0.50 10.65 10.41
C GLY A 60 0.95 9.68 11.53
N ASN A 61 0.88 8.37 11.26
CA ASN A 61 1.27 7.32 12.23
C ASN A 61 2.79 7.21 12.48
N THR A 62 3.41 8.33 12.87
CA THR A 62 4.83 8.34 13.24
C THR A 62 5.14 9.62 13.97
N PRO A 63 6.00 9.55 15.01
CA PRO A 63 6.40 10.75 15.75
C PRO A 63 7.41 11.61 14.97
N LEU A 64 7.88 11.08 13.83
CA LEU A 64 8.83 11.77 12.98
C LEU A 64 8.17 12.84 12.15
N GLN A 65 8.97 13.79 11.65
CA GLN A 65 8.47 14.84 10.79
C GLN A 65 8.56 14.41 9.34
N LEU A 66 7.55 14.76 8.56
CA LEU A 66 7.48 14.33 7.18
C LEU A 66 7.28 15.49 6.23
N ASP A 67 8.11 15.57 5.21
CA ASP A 67 7.89 16.44 4.08
C ASP A 67 7.25 15.61 2.98
N VAL A 68 6.01 15.90 2.65
CA VAL A 68 5.30 15.14 1.65
C VAL A 68 5.21 15.92 0.34
N HIS A 69 5.85 15.38 -0.71
CA HIS A 69 5.76 15.94 -2.05
C HIS A 69 4.74 15.15 -2.89
N LEU A 70 3.74 15.84 -3.40
CA LEU A 70 2.74 15.22 -4.24
C LEU A 70 3.20 15.26 -5.70
N LEU A 71 3.08 14.12 -6.39
CA LEU A 71 3.42 14.03 -7.81
C LEU A 71 2.25 13.51 -8.62
N HIS A 72 2.28 13.76 -9.91
CA HIS A 72 1.41 13.07 -10.83
C HIS A 72 2.08 12.95 -12.18
N MSE A 73 1.46 12.20 -13.08
CA MSE A 73 1.99 11.98 -14.41
C MSE A 73 1.83 13.20 -15.27
O MSE A 73 1.08 14.10 -14.93
CB MSE A 73 1.28 10.78 -15.07
CG MSE A 73 1.36 9.49 -14.28
SE MSE A 73 3.22 8.95 -13.96
CE MSE A 73 3.56 8.06 -15.50
N GLU A 74 2.53 13.22 -16.39
CA GLU A 74 2.31 14.23 -17.39
C GLU A 74 1.38 13.66 -18.46
N SER A 75 0.09 13.56 -18.12
CA SER A 75 -0.92 12.98 -19.01
C SER A 75 -0.52 11.56 -19.45
N SER A 88 -1.72 24.71 -6.21
CA SER A 88 -0.67 24.07 -7.01
C SER A 88 0.36 23.41 -6.10
N PHE A 89 0.14 22.12 -5.78
CA PHE A 89 1.02 21.38 -4.88
C PHE A 89 1.69 20.22 -5.59
N TYR A 90 1.45 20.10 -6.88
CA TYR A 90 1.84 18.91 -7.61
C TYR A 90 3.08 19.12 -8.49
N LYS A 91 3.91 18.08 -8.53
CA LYS A 91 5.09 18.09 -9.36
C LYS A 91 5.08 16.88 -10.27
N THR A 92 6.03 16.83 -11.19
CA THR A 92 6.19 15.70 -12.08
C THR A 92 7.54 15.08 -11.85
N PHE A 93 7.75 13.89 -12.39
CA PHE A 93 9.02 13.21 -12.29
C PHE A 93 10.18 14.11 -12.72
N ARG A 94 9.97 14.88 -13.80
CA ARG A 94 11.01 15.79 -14.30
C ARG A 94 11.60 16.67 -13.19
N ASP A 95 10.74 17.10 -12.27
CA ASP A 95 11.17 18.05 -11.22
C ASP A 95 12.04 17.41 -10.14
N ILE A 96 11.97 16.09 -10.02
CA ILE A 96 12.61 15.39 -8.90
C ILE A 96 13.63 14.32 -9.32
N GLU A 97 13.86 14.17 -10.63
CA GLU A 97 14.73 13.08 -11.15
C GLU A 97 16.19 13.20 -10.67
N ASN A 98 16.58 14.40 -10.26
CA ASN A 98 17.92 14.62 -9.73
C ASN A 98 17.91 14.67 -8.19
N GLU A 99 16.78 14.32 -7.59
CA GLU A 99 16.63 14.32 -6.14
C GLU A 99 16.60 12.93 -5.59
N LYS A 100 16.77 12.84 -4.28
CA LYS A 100 16.65 11.59 -3.57
C LYS A 100 15.56 11.71 -2.55
N PHE A 101 14.83 10.61 -2.36
CA PHE A 101 13.75 10.56 -1.39
C PHE A 101 13.95 9.45 -0.41
N ASP A 102 13.40 9.60 0.77
CA ASP A 102 13.42 8.55 1.76
C ASP A 102 12.38 7.54 1.42
N GLY A 103 11.23 8.02 0.97
CA GLY A 103 10.11 7.15 0.66
C GLY A 103 9.30 7.63 -0.51
N LEU A 104 8.61 6.70 -1.16
CA LEU A 104 7.71 7.00 -2.27
C LEU A 104 6.50 6.10 -2.20
N ILE A 105 5.31 6.68 -2.39
CA ILE A 105 4.11 5.89 -2.48
C ILE A 105 3.54 5.96 -3.88
N ILE A 106 3.36 4.78 -4.50
CA ILE A 106 2.68 4.70 -5.80
C ILE A 106 1.34 4.06 -5.61
N THR A 107 0.30 4.82 -5.84
CA THR A 107 -1.06 4.35 -5.62
C THR A 107 -1.53 3.40 -6.72
N GLY A 108 -2.75 2.92 -6.56
CA GLY A 108 -3.39 2.13 -7.58
C GLY A 108 -3.93 3.03 -8.68
N ALA A 109 -4.58 2.44 -9.66
CA ALA A 109 -5.12 3.17 -10.78
C ALA A 109 -6.22 2.34 -11.46
N PRO A 110 -7.13 3.00 -12.17
CA PRO A 110 -8.28 2.32 -12.77
C PRO A 110 -7.95 1.78 -14.19
N VAL A 111 -6.90 0.98 -14.30
CA VAL A 111 -6.42 0.54 -15.59
C VAL A 111 -6.05 -0.93 -15.58
N GLU A 112 -6.57 -1.67 -14.61
CA GLU A 112 -6.07 -3.03 -14.34
C GLU A 112 -6.37 -4.06 -15.46
N THR A 113 -7.39 -3.80 -16.28
CA THR A 113 -7.78 -4.78 -17.31
C THR A 113 -6.93 -4.65 -18.56
N LEU A 114 -6.20 -3.55 -18.67
CA LEU A 114 -5.29 -3.37 -19.78
C LEU A 114 -3.99 -4.12 -19.53
N SER A 115 -3.32 -4.48 -20.60
CA SER A 115 -1.96 -4.92 -20.51
C SER A 115 -1.14 -3.73 -20.09
N PHE A 116 -0.15 -3.97 -19.25
CA PHE A 116 0.65 -2.87 -18.69
C PHE A 116 1.14 -1.93 -19.75
N GLU A 117 1.59 -2.46 -20.87
CA GLU A 117 2.17 -1.65 -21.92
C GLU A 117 1.13 -0.81 -22.68
N GLU A 118 -0.15 -1.18 -22.56
CA GLU A 118 -1.24 -0.41 -23.22
C GLU A 118 -1.64 0.81 -22.42
N VAL A 119 -1.26 0.85 -21.14
CA VAL A 119 -1.54 1.98 -20.29
C VAL A 119 -0.77 3.19 -20.81
N ASP A 120 -1.51 4.27 -21.08
CA ASP A 120 -0.95 5.50 -21.68
C ASP A 120 0.41 5.93 -21.12
N TYR A 121 0.49 6.04 -19.80
CA TYR A 121 1.67 6.60 -19.16
C TYR A 121 2.71 5.54 -18.75
N TRP A 122 2.62 4.36 -19.34
CA TRP A 122 3.49 3.25 -18.93
C TRP A 122 4.98 3.61 -18.96
N GLU A 123 5.41 4.26 -20.05
CA GLU A 123 6.84 4.57 -20.22
C GLU A 123 7.37 5.55 -19.19
N GLU A 124 6.55 6.54 -18.82
CA GLU A 124 6.93 7.50 -17.79
C GLU A 124 6.94 6.81 -16.42
N LEU A 125 6.03 5.85 -16.22
CA LEU A 125 5.98 5.11 -14.96
C LEU A 125 7.22 4.22 -14.82
N LYS A 126 7.70 3.69 -15.93
CA LYS A 126 8.93 2.89 -15.94
C LYS A 126 10.12 3.69 -15.50
N ARG A 127 10.18 4.94 -15.95
CA ARG A 127 11.28 5.84 -15.59
C ARG A 127 11.27 6.13 -14.11
N ILE A 128 10.08 6.31 -13.56
CA ILE A 128 9.92 6.58 -12.16
C ILE A 128 10.33 5.36 -11.33
N MSE A 129 9.90 4.17 -11.75
CA MSE A 129 10.19 2.95 -11.01
C MSE A 129 11.66 2.59 -11.06
O MSE A 129 12.22 2.09 -10.08
CB MSE A 129 9.34 1.79 -11.53
CG MSE A 129 7.84 1.97 -11.23
SE MSE A 129 6.72 0.44 -11.72
CE MSE A 129 6.95 0.53 -13.75
N GLU A 130 12.30 2.85 -12.21
CA GLU A 130 13.73 2.66 -12.35
C GLU A 130 14.46 3.65 -11.47
N TYR A 131 13.98 4.90 -11.48
CA TYR A 131 14.49 5.95 -10.63
C TYR A 131 14.41 5.55 -9.16
N SER A 132 13.33 4.84 -8.80
CA SER A 132 13.09 4.51 -7.39
C SER A 132 14.12 3.53 -6.86
N LYS A 133 14.62 2.64 -7.73
CA LYS A 133 15.67 1.68 -7.36
C LYS A 133 16.88 2.38 -6.78
N THR A 134 17.24 3.50 -7.37
CA THR A 134 18.48 4.19 -7.06
C THR A 134 18.29 5.40 -6.17
N ASN A 135 17.14 6.06 -6.30
CA ASN A 135 16.94 7.34 -5.63
C ASN A 135 15.92 7.34 -4.49
N VAL A 136 15.33 6.19 -4.20
CA VAL A 136 14.38 6.11 -3.09
C VAL A 136 14.71 4.92 -2.21
N THR A 137 14.73 5.15 -0.90
CA THR A 137 15.11 4.12 0.04
C THR A 137 14.10 2.98 0.02
N SER A 138 12.82 3.33 0.13
CA SER A 138 11.75 2.34 0.11
C SER A 138 10.52 2.90 -0.57
N THR A 139 10.03 2.17 -1.56
CA THR A 139 8.88 2.59 -2.32
C THR A 139 7.72 1.67 -2.01
N LEU A 140 6.60 2.26 -1.62
CA LEU A 140 5.40 1.48 -1.32
C LEU A 140 4.44 1.49 -2.50
N HIS A 141 4.11 0.31 -2.99
CA HIS A 141 3.20 0.19 -4.12
C HIS A 141 1.87 -0.34 -3.64
N ILE A 142 0.80 0.29 -4.09
CA ILE A 142 -0.54 -0.12 -3.68
C ILE A 142 -1.36 -0.64 -4.85
N CYS A 143 -2.03 -1.77 -4.63
CA CYS A 143 -2.91 -2.41 -5.62
C CYS A 143 -2.28 -2.46 -7.05
N TRP A 144 -2.89 -1.79 -8.03
CA TRP A 144 -2.36 -1.86 -9.40
C TRP A 144 -0.90 -1.42 -9.44
N GLY A 145 -0.58 -0.37 -8.69
CA GLY A 145 0.80 0.10 -8.58
C GLY A 145 1.73 -1.02 -8.15
N ALA A 146 1.25 -1.89 -7.27
CA ALA A 146 2.00 -3.07 -6.82
C ALA A 146 2.19 -4.07 -7.94
N GLN A 147 1.11 -4.33 -8.70
CA GLN A 147 1.18 -5.22 -9.87
C GLN A 147 2.18 -4.66 -10.89
N ALA A 148 2.08 -3.35 -11.14
CA ALA A 148 3.00 -2.68 -12.07
C ALA A 148 4.43 -2.81 -11.59
N GLY A 149 4.64 -2.63 -10.28
CA GLY A 149 5.98 -2.72 -9.70
C GLY A 149 6.52 -4.13 -9.78
N LEU A 150 5.67 -5.10 -9.49
CA LEU A 150 6.06 -6.49 -9.54
C LEU A 150 6.36 -6.92 -10.95
N TYR A 151 5.52 -6.50 -11.88
CA TYR A 151 5.71 -6.84 -13.26
C TYR A 151 6.99 -6.22 -13.80
N HIS A 152 7.15 -4.91 -13.60
CA HIS A 152 8.31 -4.23 -14.15
C HIS A 152 9.61 -4.71 -13.53
N HIS A 153 9.66 -4.71 -12.21
CA HIS A 153 10.89 -5.04 -11.48
C HIS A 153 11.22 -6.53 -11.52
N TYR A 154 10.20 -7.39 -11.49
CA TYR A 154 10.44 -8.82 -11.26
C TYR A 154 9.77 -9.78 -12.27
N GLY A 155 9.03 -9.22 -13.23
CA GLY A 155 8.43 -10.01 -14.29
C GLY A 155 7.18 -10.77 -13.87
N VAL A 156 6.61 -10.38 -12.73
CA VAL A 156 5.40 -11.03 -12.24
C VAL A 156 4.20 -10.51 -13.02
N GLN A 157 3.49 -11.42 -13.70
CA GLN A 157 2.33 -11.06 -14.52
C GLN A 157 1.06 -11.01 -13.70
N LYS A 158 0.07 -10.26 -14.19
CA LYS A 158 -1.24 -10.24 -13.58
C LYS A 158 -2.21 -11.06 -14.42
N TYR A 159 -3.32 -11.48 -13.82
CA TYR A 159 -4.26 -12.33 -14.48
C TYR A 159 -5.68 -11.93 -14.12
N PRO A 160 -6.60 -12.04 -15.09
CA PRO A 160 -7.99 -11.69 -14.83
C PRO A 160 -8.65 -12.63 -13.86
N LEU A 161 -9.58 -12.10 -13.06
CA LEU A 161 -10.42 -12.92 -12.21
C LEU A 161 -11.82 -13.00 -12.83
N LYS A 162 -12.48 -14.14 -12.65
CA LYS A 162 -13.81 -14.35 -13.24
C LYS A 162 -14.86 -13.42 -12.60
N GLU A 163 -14.66 -13.12 -11.32
CA GLU A 163 -15.46 -12.11 -10.64
C GLU A 163 -14.58 -11.27 -9.73
N LYS A 164 -15.03 -10.09 -9.38
CA LYS A 164 -14.26 -9.18 -8.57
C LYS A 164 -13.97 -9.74 -7.15
N MSE A 165 -12.68 -9.81 -6.81
CA MSE A 165 -12.26 -9.98 -5.44
C MSE A 165 -12.59 -8.67 -4.74
O MSE A 165 -11.99 -7.62 -5.04
CB MSE A 165 -10.77 -10.24 -5.37
CG MSE A 165 -10.28 -10.59 -3.98
SE MSE A 165 -11.14 -12.27 -3.32
CE MSE A 165 -10.41 -13.58 -4.75
N PHE A 166 -13.54 -8.73 -3.82
CA PHE A 166 -14.20 -7.52 -3.38
C PHE A 166 -14.80 -7.70 -1.96
N GLY A 167 -14.12 -7.11 -0.97
CA GLY A 167 -14.57 -7.17 0.43
C GLY A 167 -13.40 -7.07 1.40
N VAL A 168 -13.63 -7.46 2.64
CA VAL A 168 -12.59 -7.53 3.66
C VAL A 168 -12.27 -9.00 3.96
N PHE A 169 -10.99 -9.35 3.94
CA PHE A 169 -10.58 -10.75 4.00
C PHE A 169 -9.56 -11.03 5.08
N GLU A 170 -9.63 -12.24 5.64
CA GLU A 170 -8.70 -12.65 6.64
C GLU A 170 -7.36 -13.03 6.00
N HIS A 171 -6.28 -12.49 6.55
CA HIS A 171 -4.93 -12.78 6.10
C HIS A 171 -4.17 -13.43 7.23
N GLU A 172 -3.07 -14.11 6.87
CA GLU A 172 -2.17 -14.65 7.85
C GLU A 172 -0.75 -14.19 7.56
N VAL A 173 -0.03 -13.86 8.62
CA VAL A 173 1.36 -13.51 8.54
C VAL A 173 2.18 -14.73 8.11
N ARG A 174 3.07 -14.54 7.16
CA ARG A 174 3.86 -15.63 6.59
C ARG A 174 5.34 -15.62 7.01
N GLU A 175 5.74 -14.58 7.74
CA GLU A 175 7.14 -14.43 8.16
C GLU A 175 7.21 -13.86 9.54
N GLN A 176 8.07 -14.44 10.35
CA GLN A 176 8.30 -13.95 11.68
C GLN A 176 9.47 -12.99 11.66
N HIS A 177 9.47 -12.04 12.59
CA HIS A 177 10.61 -11.14 12.78
C HIS A 177 10.90 -10.27 11.56
N VAL A 178 9.85 -9.86 10.86
CA VAL A 178 9.99 -8.88 9.80
C VAL A 178 9.46 -7.55 10.29
N LYS A 179 10.32 -6.53 10.29
CA LYS A 179 9.97 -5.22 10.84
C LYS A 179 8.64 -4.66 10.31
N LEU A 180 8.35 -4.89 9.05
CA LEU A 180 7.13 -4.36 8.44
C LEU A 180 5.88 -4.90 9.11
N LEU A 181 6.00 -6.11 9.67
CA LEU A 181 4.88 -6.77 10.32
C LEU A 181 5.00 -6.65 11.85
N GLN A 182 5.82 -5.70 12.30
CA GLN A 182 5.98 -5.45 13.73
C GLN A 182 4.61 -5.13 14.39
N GLY A 183 4.21 -5.97 15.34
CA GLY A 183 2.98 -5.73 16.09
C GLY A 183 1.72 -6.29 15.45
N PHE A 184 1.87 -6.92 14.29
CA PHE A 184 0.73 -7.52 13.58
C PHE A 184 0.21 -8.69 14.35
N ASP A 185 -1.11 -8.87 14.34
CA ASP A 185 -1.72 -10.10 14.78
C ASP A 185 -1.38 -11.18 13.74
N GLU A 186 -1.33 -12.44 14.14
CA GLU A 186 -0.97 -13.51 13.19
C GLU A 186 -2.05 -13.66 12.13
N LEU A 187 -3.30 -13.39 12.54
CA LEU A 187 -4.40 -13.31 11.62
C LEU A 187 -4.96 -11.90 11.66
N PHE A 188 -5.16 -11.30 10.49
CA PHE A 188 -5.64 -9.93 10.42
C PHE A 188 -6.44 -9.68 9.15
N PHE A 189 -7.23 -8.62 9.15
CA PHE A 189 -8.13 -8.32 8.04
C PHE A 189 -7.62 -7.19 7.17
N ALA A 190 -7.89 -7.30 5.89
CA ALA A 190 -7.51 -6.28 4.91
C ALA A 190 -8.47 -6.33 3.76
N PRO A 191 -8.79 -5.15 3.19
CA PRO A 191 -9.69 -5.10 2.05
C PRO A 191 -8.99 -5.43 0.72
N HIS A 192 -9.76 -5.98 -0.21
CA HIS A 192 -9.32 -6.14 -1.57
C HIS A 192 -10.41 -5.66 -2.47
N SER A 193 -10.01 -5.06 -3.59
CA SER A 193 -10.94 -4.60 -4.60
C SER A 193 -10.24 -4.61 -5.94
N ARG A 194 -10.50 -5.64 -6.75
CA ARG A 194 -9.81 -5.85 -8.02
C ARG A 194 -10.40 -7.00 -8.84
N HIS A 195 -10.39 -6.83 -10.17
CA HIS A 195 -10.83 -7.88 -11.10
C HIS A 195 -9.63 -8.65 -11.66
N THR A 196 -8.42 -8.36 -11.13
CA THR A 196 -7.19 -9.07 -11.55
C THR A 196 -6.42 -9.52 -10.35
N GLU A 197 -5.36 -10.30 -10.58
CA GLU A 197 -4.56 -10.84 -9.50
C GLU A 197 -3.14 -11.18 -9.90
N VAL A 198 -2.29 -11.30 -8.90
CA VAL A 198 -1.00 -11.94 -9.08
C VAL A 198 -1.09 -13.24 -8.31
N ARG A 199 -0.26 -14.21 -8.68
CA ARG A 199 -0.34 -15.53 -8.10
C ARG A 199 0.83 -15.78 -7.18
N GLU A 200 0.53 -16.38 -6.03
CA GLU A 200 1.53 -16.70 -5.02
C GLU A 200 2.69 -17.46 -5.63
N SER A 201 2.37 -18.45 -6.45
CA SER A 201 3.39 -19.29 -7.07
C SER A 201 4.38 -18.46 -7.90
N ASP A 202 3.88 -17.44 -8.57
CA ASP A 202 4.74 -16.57 -9.41
C ASP A 202 5.63 -15.71 -8.56
N ILE A 203 5.12 -15.30 -7.43
CA ILE A 203 5.90 -14.54 -6.48
C ILE A 203 6.93 -15.45 -5.79
N ARG A 204 6.53 -16.68 -5.47
CA ARG A 204 7.42 -17.65 -4.82
C ARG A 204 8.71 -17.87 -5.61
N GLU A 205 8.58 -17.90 -6.95
CA GLU A 205 9.73 -18.18 -7.84
C GLU A 205 10.81 -17.13 -7.75
N VAL A 206 10.44 -15.91 -7.36
CA VAL A 206 11.39 -14.79 -7.36
C VAL A 206 12.14 -14.70 -6.03
N LYS A 207 13.45 -14.93 -6.10
CA LYS A 207 14.31 -14.94 -4.93
C LYS A 207 14.29 -13.61 -4.20
N GLU A 208 14.24 -12.51 -4.97
CA GLU A 208 14.30 -11.17 -4.40
C GLU A 208 12.98 -10.75 -3.76
N LEU A 209 11.96 -11.58 -3.90
CA LEU A 209 10.67 -11.30 -3.29
C LEU A 209 10.44 -12.20 -2.09
N THR A 210 9.78 -11.66 -1.07
CA THR A 210 9.38 -12.43 0.08
C THR A 210 7.91 -12.16 0.36
N LEU A 211 7.13 -13.24 0.44
CA LEU A 211 5.72 -13.13 0.75
C LEU A 211 5.51 -12.92 2.26
N LEU A 212 4.79 -11.85 2.61
CA LEU A 212 4.62 -11.48 4.00
C LEU A 212 3.23 -11.80 4.52
N ALA A 213 2.23 -11.73 3.66
CA ALA A 213 0.86 -11.93 4.07
C ALA A 213 -0.02 -12.37 2.92
N ASN A 214 -0.71 -13.48 3.09
CA ASN A 214 -1.64 -13.94 2.11
C ASN A 214 -2.97 -14.24 2.76
N SER A 215 -3.96 -14.56 1.94
CA SER A 215 -5.29 -14.90 2.41
C SER A 215 -5.76 -16.12 1.66
N GLU A 216 -6.29 -17.08 2.38
CA GLU A 216 -6.79 -18.29 1.76
C GLU A 216 -7.78 -17.95 0.65
N GLU A 217 -8.62 -16.95 0.89
CA GLU A 217 -9.62 -16.56 -0.08
C GLU A 217 -9.10 -15.55 -1.11
N ALA A 218 -8.43 -14.50 -0.65
CA ALA A 218 -8.06 -13.39 -1.53
C ALA A 218 -6.64 -13.51 -2.11
N GLY A 219 -5.87 -14.47 -1.63
CA GLY A 219 -4.50 -14.67 -2.12
C GLY A 219 -3.49 -13.64 -1.60
N VAL A 220 -2.66 -13.13 -2.49
CA VAL A 220 -1.49 -12.30 -2.10
C VAL A 220 -1.89 -10.89 -1.71
N HIS A 221 -1.36 -10.44 -0.55
CA HIS A 221 -1.55 -9.06 -0.13
C HIS A 221 -0.22 -8.34 0.03
N LEU A 222 0.58 -8.74 1.02
CA LEU A 222 1.83 -8.05 1.27
C LEU A 222 3.03 -8.85 0.79
N VAL A 223 3.88 -8.18 0.02
CA VAL A 223 5.10 -8.74 -0.46
C VAL A 223 6.18 -7.68 -0.33
N ILE A 224 7.39 -8.10 -0.04
CA ILE A 224 8.50 -7.19 0.09
C ILE A 224 9.59 -7.61 -0.88
N GLY A 225 10.23 -6.63 -1.49
CA GLY A 225 11.28 -6.88 -2.48
C GLY A 225 12.56 -6.20 -2.10
N GLN A 226 13.67 -6.91 -2.21
CA GLN A 226 14.99 -6.37 -1.92
C GLN A 226 15.06 -5.72 -0.54
N GLU A 227 14.63 -6.46 0.48
CA GLU A 227 14.77 -6.03 1.88
C GLU A 227 14.01 -4.74 2.19
N GLY A 228 12.91 -4.51 1.51
CA GLY A 228 12.09 -3.33 1.77
C GLY A 228 12.34 -2.20 0.79
N ARG A 229 13.32 -2.37 -0.10
CA ARG A 229 13.52 -1.43 -1.19
C ARG A 229 12.18 -1.17 -1.89
N GLN A 230 11.40 -2.24 -2.07
CA GLN A 230 10.02 -2.12 -2.50
C GLN A 230 9.14 -2.82 -1.50
N VAL A 231 8.00 -2.20 -1.22
CA VAL A 231 6.97 -2.85 -0.48
C VAL A 231 5.75 -2.87 -1.38
N PHE A 232 5.14 -4.03 -1.52
CA PHE A 232 3.98 -4.19 -2.35
C PHE A 232 2.79 -4.59 -1.50
N ALA A 233 1.72 -3.82 -1.59
CA ALA A 233 0.46 -4.14 -0.94
C ALA A 233 -0.63 -4.26 -2.00
N LEU A 234 -1.07 -5.48 -2.28
CA LEU A 234 -2.04 -5.72 -3.38
C LEU A 234 -3.48 -5.41 -2.96
N GLY A 235 -3.78 -5.59 -1.68
CA GLY A 235 -5.06 -5.21 -1.14
C GLY A 235 -5.07 -3.73 -0.89
N HIS A 236 -6.15 -3.23 -0.30
CA HIS A 236 -6.29 -1.79 -0.05
C HIS A 236 -6.41 -1.48 1.44
N SER A 237 -5.34 -1.72 2.20
CA SER A 237 -5.33 -1.45 3.66
C SER A 237 -5.55 0.04 3.98
N GLU A 238 -5.27 0.92 2.99
CA GLU A 238 -5.46 2.38 3.17
C GLU A 238 -6.91 2.84 3.08
N TYR A 239 -7.80 1.96 2.64
CA TYR A 239 -9.18 2.31 2.47
C TYR A 239 -9.77 2.77 3.78
N SER A 240 -10.64 3.77 3.69
CA SER A 240 -11.34 4.23 4.82
C SER A 240 -12.69 3.50 4.92
N CYS A 241 -13.44 3.86 5.93
CA CYS A 241 -14.65 3.17 6.29
C CYS A 241 -15.61 2.81 5.12
N ASP A 242 -16.04 3.81 4.36
CA ASP A 242 -17.12 3.63 3.37
C ASP A 242 -16.62 3.41 1.94
N THR A 243 -15.31 3.24 1.76
CA THR A 243 -14.76 3.14 0.39
C THR A 243 -15.40 2.00 -0.42
N LEU A 244 -15.42 0.80 0.14
CA LEU A 244 -16.05 -0.36 -0.54
C LEU A 244 -17.55 -0.12 -0.79
N LYS A 245 -18.22 0.50 0.18
CA LYS A 245 -19.62 0.86 0.03
C LYS A 245 -19.82 1.73 -1.19
N GLN A 246 -19.01 2.78 -1.30
CA GLN A 246 -19.09 3.73 -2.42
C GLN A 246 -18.83 3.05 -3.75
N GLU A 247 -17.84 2.16 -3.78
CA GLU A 247 -17.51 1.41 -4.99
C GLU A 247 -18.70 0.52 -5.40
N TYR A 248 -19.31 -0.14 -4.42
CA TYR A 248 -20.45 -1.02 -4.67
C TYR A 248 -21.57 -0.26 -5.35
N GLU A 249 -21.95 0.86 -4.75
CA GLU A 249 -23.03 1.65 -5.27
C GLU A 249 -22.68 2.26 -6.63
N ARG A 250 -21.43 2.71 -6.79
CA ARG A 250 -20.99 3.26 -8.06
C ARG A 250 -21.17 2.22 -9.19
N ASP A 251 -20.71 0.99 -8.95
CA ASP A 251 -20.79 -0.08 -9.97
C ASP A 251 -22.22 -0.57 -10.17
N ARG A 252 -22.97 -0.64 -9.09
CA ARG A 252 -24.35 -1.03 -9.15
C ARG A 252 -25.16 -0.01 -10.00
N ASP A 253 -24.81 1.27 -9.87
CA ASP A 253 -25.51 2.31 -10.59
C ASP A 253 -25.12 2.33 -12.07
N LYS A 254 -23.86 2.02 -12.38
CA LYS A 254 -23.40 1.87 -13.79
C LYS A 254 -24.10 0.71 -14.46
N GLY A 255 -24.85 -0.08 -13.69
CA GLY A 255 -25.57 -1.22 -14.23
C GLY A 255 -24.70 -2.46 -14.30
N LEU A 256 -23.59 -2.44 -13.57
CA LEU A 256 -22.73 -3.61 -13.50
C LEU A 256 -23.36 -4.64 -12.61
N ASN A 257 -23.06 -5.89 -12.89
CA ASN A 257 -23.47 -6.98 -12.04
C ASN A 257 -22.37 -7.21 -11.03
N ILE A 258 -22.56 -6.69 -9.82
CA ILE A 258 -21.55 -6.82 -8.80
C ILE A 258 -22.15 -7.22 -7.45
N ASP A 259 -21.45 -8.12 -6.76
CA ASP A 259 -21.92 -8.62 -5.51
C ASP A 259 -21.58 -7.69 -4.41
N VAL A 260 -22.33 -7.79 -3.32
CA VAL A 260 -22.02 -7.08 -2.12
C VAL A 260 -20.61 -7.44 -1.69
N PRO A 261 -19.84 -6.46 -1.22
CA PRO A 261 -18.52 -6.79 -0.68
C PRO A 261 -18.62 -7.82 0.46
N LYS A 262 -17.70 -8.77 0.50
CA LYS A 262 -17.76 -9.84 1.50
C LYS A 262 -17.25 -9.37 2.86
N ASN A 263 -17.94 -9.81 3.93
CA ASN A 263 -17.53 -9.49 5.31
C ASN A 263 -17.41 -7.98 5.56
N TYR A 264 -18.38 -7.23 5.05
CA TYR A 264 -18.34 -5.78 5.10
C TYR A 264 -19.64 -5.25 5.68
N PHE A 265 -20.75 -5.57 5.03
CA PHE A 265 -22.07 -5.22 5.54
C PHE A 265 -22.59 -6.35 6.43
N LYS A 266 -23.24 -5.98 7.53
CA LYS A 266 -23.87 -6.95 8.42
C LYS A 266 -25.03 -7.64 7.69
N HIS A 267 -24.98 -8.96 7.60
CA HIS A 267 -25.99 -9.77 6.91
C HIS A 267 -25.99 -9.49 5.40
N ASP A 268 -24.89 -8.91 4.91
CA ASP A 268 -24.77 -8.51 3.50
C ASP A 268 -25.86 -7.50 3.12
N ASN A 269 -26.25 -6.65 4.07
CA ASN A 269 -27.22 -5.60 3.82
C ASN A 269 -26.51 -4.28 3.58
N PRO A 270 -26.60 -3.75 2.34
CA PRO A 270 -25.88 -2.53 1.93
C PRO A 270 -26.37 -1.25 2.63
N ASN A 271 -27.55 -1.30 3.24
CA ASN A 271 -28.08 -0.17 4.02
C ASN A 271 -27.45 -0.08 5.43
N GLU A 272 -26.68 -1.10 5.82
CA GLU A 272 -26.07 -1.16 7.16
C GLU A 272 -24.73 -0.44 7.18
N LYS A 273 -24.31 -0.03 8.37
CA LYS A 273 -22.99 0.57 8.54
C LYS A 273 -21.94 -0.49 8.31
N PRO A 274 -20.95 -0.18 7.47
CA PRO A 274 -19.86 -1.12 7.26
C PRO A 274 -19.17 -1.54 8.58
N LEU A 275 -18.67 -2.77 8.61
CA LEU A 275 -17.87 -3.27 9.72
C LEU A 275 -16.40 -3.04 9.41
N VAL A 276 -15.72 -2.26 10.25
CA VAL A 276 -14.31 -1.96 10.03
C VAL A 276 -13.40 -2.87 10.89
N ARG A 277 -12.83 -3.90 10.23
CA ARG A 277 -11.93 -4.88 10.91
C ARG A 277 -10.48 -4.69 10.51
N TRP A 278 -10.22 -3.76 9.58
CA TRP A 278 -8.88 -3.63 8.97
C TRP A 278 -8.10 -2.37 9.39
N ARG A 279 -8.74 -1.53 10.20
CA ARG A 279 -8.20 -0.23 10.57
C ARG A 279 -6.80 -0.30 11.25
N SER A 280 -6.68 -1.22 12.20
CA SER A 280 -5.47 -1.31 13.03
C SER A 280 -4.26 -1.71 12.24
N HIS A 281 -4.46 -2.62 11.30
CA HIS A 281 -3.34 -3.14 10.53
C HIS A 281 -3.02 -2.29 9.32
N GLY A 282 -3.94 -1.40 8.97
CA GLY A 282 -3.65 -0.35 8.03
C GLY A 282 -2.71 0.67 8.66
N ASN A 283 -2.98 1.04 9.91
CA ASN A 283 -2.12 1.95 10.64
C ASN A 283 -0.75 1.35 10.90
N LEU A 284 -0.72 0.08 11.30
CA LEU A 284 0.54 -0.62 11.57
C LEU A 284 1.42 -0.71 10.33
N LEU A 285 0.81 -1.03 9.19
CA LEU A 285 1.54 -1.15 7.93
C LEU A 285 2.29 0.11 7.61
N PHE A 286 1.59 1.24 7.63
CA PHE A 286 2.17 2.52 7.26
C PHE A 286 3.11 3.02 8.30
N SER A 287 2.82 2.73 9.57
CA SER A 287 3.66 3.18 10.66
C SER A 287 5.01 2.45 10.63
N ASN A 288 4.96 1.13 10.44
CA ASN A 288 6.17 0.31 10.35
C ASN A 288 6.99 0.64 9.08
N TRP A 289 6.32 0.89 7.98
CA TRP A 289 7.00 1.27 6.75
C TRP A 289 7.80 2.56 6.99
N LEU A 290 7.15 3.56 7.50
CA LEU A 290 7.77 4.85 7.76
C LEU A 290 8.89 4.74 8.79
N ASN A 291 8.66 3.97 9.84
CA ASN A 291 9.60 3.91 10.97
C ASN A 291 10.80 3.02 10.72
N TYR A 292 10.62 1.95 9.96
CA TYR A 292 11.66 0.95 9.82
C TYR A 292 12.24 0.81 8.42
N TYR A 293 11.57 1.37 7.42
CA TYR A 293 12.04 1.25 6.04
C TYR A 293 12.36 2.60 5.41
N VAL A 294 11.47 3.56 5.58
CA VAL A 294 11.70 4.91 5.06
C VAL A 294 12.79 5.61 5.88
N TYR A 295 12.76 5.42 7.21
CA TYR A 295 13.78 5.98 8.08
C TYR A 295 14.92 4.99 8.25
N GLN A 296 16.13 5.44 7.97
CA GLN A 296 17.33 4.64 8.14
C GLN A 296 18.36 5.42 8.96
N GLU A 297 19.15 4.71 9.76
CA GLU A 297 20.13 5.36 10.65
C GLU A 297 21.52 5.53 9.97
N THR A 298 22.56 5.68 10.81
CA THR A 298 23.93 5.97 10.33
C THR A 298 23.92 7.14 9.34
S SO4 B . -12.18 4.99 9.22
O1 SO4 B . -10.74 4.72 9.07
O2 SO4 B . -12.69 5.76 8.07
O3 SO4 B . -12.91 3.73 9.31
O4 SO4 B . -12.40 5.75 10.44
#